data_5Z7W
#
_entry.id   5Z7W
#
_cell.length_a   81.170
_cell.length_b   138.770
_cell.length_c   49.410
_cell.angle_alpha   90.00
_cell.angle_beta   90.00
_cell.angle_gamma   90.00
#
_symmetry.space_group_name_H-M   'P 21 21 2'
#
loop_
_entity.id
_entity.type
_entity.pdbx_description
1 polymer 'Hyposensitive to light 1'
2 non-polymer 'MAGNESIUM ION'
3 non-polymer 'SODIUM ION'
4 non-polymer GLYCEROL
5 water water
#
_entity_poly.entity_id   1
_entity_poly.type   'polypeptide(L)'
_entity_poly.pdbx_seq_one_letter_code
;GPLGSMGLAQEAHNVRVLGSGPQTVVLAHGFGTDQSVWKYLVPHLVEDYRVVLFDIMGAGTTNPTYFNFERYSSLEGYAG
DVIAILEELQISSCVYVGHSVSAMIGVIASVTRPDLFTKLVTVAGSPRYLNDPDYFGGFDLDELHELFEAMKENYKAWCS
GFAPLCVGADMESLAVQEFSRTLFNMRPDIALSILQTIFYSDVRPLLPHVTVPCHIIQSVKDLAVPVAVSEYIHQSLGGE
SILEVMATEGHLPQLSSPDVVVPVLLRHIRYAIARPN
;
_entity_poly.pdbx_strand_id   A,B
#
# COMPACT_ATOMS: atom_id res chain seq x y z
N GLY A 7 -27.75 18.91 -1.81
CA GLY A 7 -28.62 18.20 -0.89
C GLY A 7 -28.18 18.33 0.57
N LEU A 8 -29.13 18.13 1.48
CA LEU A 8 -28.85 18.31 2.91
C LEU A 8 -27.84 17.28 3.41
N ALA A 9 -28.17 15.99 3.25
CA ALA A 9 -27.27 14.93 3.72
C ALA A 9 -25.99 14.91 2.91
N GLN A 10 -26.06 15.21 1.61
CA GLN A 10 -24.85 15.23 0.79
C GLN A 10 -23.86 16.27 1.32
N GLU A 11 -24.36 17.44 1.71
CA GLU A 11 -23.47 18.47 2.24
C GLU A 11 -22.92 18.06 3.60
N ALA A 12 -23.77 17.57 4.49
CA ALA A 12 -23.37 17.32 5.87
C ALA A 12 -22.41 16.13 5.97
N HIS A 13 -22.52 15.16 5.07
CA HIS A 13 -21.72 13.94 5.12
C HIS A 13 -20.62 13.92 4.07
N ASN A 14 -20.39 15.02 3.36
CA ASN A 14 -19.36 15.10 2.33
C ASN A 14 -19.54 14.00 1.29
N VAL A 15 -20.79 13.81 0.86
CA VAL A 15 -21.08 12.74 -0.09
C VAL A 15 -20.41 13.02 -1.42
N ARG A 16 -19.67 12.06 -1.93
CA ARG A 16 -19.05 12.14 -3.25
C ARG A 16 -19.45 10.89 -4.03
N VAL A 17 -19.91 11.09 -5.26
CA VAL A 17 -20.34 10.01 -6.13
C VAL A 17 -19.40 9.97 -7.32
N LEU A 18 -18.69 8.84 -7.45
CA LEU A 18 -17.70 8.63 -8.50
C LEU A 18 -18.09 7.44 -9.35
N GLY A 19 -17.32 7.22 -10.42
CA GLY A 19 -17.57 6.06 -11.28
C GLY A 19 -18.83 6.22 -12.12
N SER A 20 -19.32 5.10 -12.62
CA SER A 20 -20.51 5.10 -13.47
C SER A 20 -21.04 3.68 -13.59
N GLY A 21 -22.24 3.58 -14.15
CA GLY A 21 -22.86 2.29 -14.40
C GLY A 21 -24.03 2.04 -13.49
N PRO A 22 -24.83 1.02 -13.81
CA PRO A 22 -26.00 0.71 -12.96
C PRO A 22 -25.63 0.11 -11.62
N GLN A 23 -24.47 -0.53 -11.50
CA GLN A 23 -24.05 -1.14 -10.25
C GLN A 23 -23.52 -0.07 -9.30
N THR A 24 -24.03 -0.07 -8.07
CA THR A 24 -23.70 0.94 -7.07
C THR A 24 -23.05 0.29 -5.86
N VAL A 25 -21.91 0.82 -5.43
CA VAL A 25 -21.23 0.36 -4.23
C VAL A 25 -21.06 1.54 -3.27
N VAL A 26 -21.53 1.37 -2.04
CA VAL A 26 -21.41 2.38 -1.01
C VAL A 26 -20.27 1.99 -0.07
N LEU A 27 -19.34 2.91 0.17
CA LEU A 27 -18.19 2.65 1.02
C LEU A 27 -18.31 3.52 2.28
N ALA A 28 -18.38 2.87 3.43
CA ALA A 28 -18.67 3.56 4.70
C ALA A 28 -17.55 3.25 5.69
N HIS A 29 -16.90 4.30 6.19
CA HIS A 29 -15.71 4.20 7.03
C HIS A 29 -16.06 4.09 8.51
N GLY A 30 -15.04 3.75 9.31
CA GLY A 30 -15.21 3.56 10.73
C GLY A 30 -14.71 4.74 11.56
N PHE A 31 -14.72 4.53 12.88
CA PHE A 31 -14.35 5.57 13.82
C PHE A 31 -12.93 6.05 13.60
N GLY A 32 -12.73 7.37 13.72
CA GLY A 32 -11.41 7.95 13.72
C GLY A 32 -10.84 8.29 12.37
N THR A 33 -11.45 7.80 11.29
CA THR A 33 -10.98 8.09 9.92
C THR A 33 -12.11 8.76 9.15
N ASP A 34 -12.03 8.76 7.82
CA ASP A 34 -13.10 9.28 6.98
C ASP A 34 -13.06 8.48 5.68
N GLN A 35 -13.77 8.97 4.66
CA GLN A 35 -13.86 8.25 3.40
C GLN A 35 -12.51 8.08 2.72
N SER A 36 -11.49 8.86 3.13
CA SER A 36 -10.15 8.67 2.58
C SER A 36 -9.57 7.31 2.93
N VAL A 37 -10.16 6.59 3.90
CA VAL A 37 -9.69 5.25 4.21
C VAL A 37 -9.81 4.32 3.00
N TRP A 38 -10.67 4.68 2.04
CA TRP A 38 -10.91 3.87 0.85
C TRP A 38 -10.04 4.28 -0.33
N LYS A 39 -9.00 5.10 -0.11
CA LYS A 39 -8.30 5.75 -1.22
C LYS A 39 -7.65 4.75 -2.18
N TYR A 40 -7.28 3.56 -1.69
CA TYR A 40 -6.63 2.58 -2.56
C TYR A 40 -7.62 1.61 -3.19
N LEU A 41 -8.84 1.54 -2.68
CA LEU A 41 -9.85 0.69 -3.28
C LEU A 41 -10.62 1.41 -4.39
N VAL A 42 -10.91 2.70 -4.21
CA VAL A 42 -11.77 3.41 -5.16
C VAL A 42 -11.28 3.31 -6.60
N PRO A 43 -10.00 3.51 -6.91
CA PRO A 43 -9.57 3.45 -8.33
C PRO A 43 -9.86 2.13 -8.99
N HIS A 44 -9.99 1.05 -8.23
CA HIS A 44 -10.24 -0.27 -8.80
C HIS A 44 -11.73 -0.57 -8.93
N LEU A 45 -12.59 0.36 -8.54
CA LEU A 45 -14.04 0.23 -8.66
C LEU A 45 -14.67 1.16 -9.68
N VAL A 46 -14.08 2.33 -9.92
CA VAL A 46 -14.81 3.38 -10.63
C VAL A 46 -15.08 3.00 -12.08
N GLU A 47 -14.26 2.15 -12.68
CA GLU A 47 -14.51 1.76 -14.06
C GLU A 47 -15.80 0.95 -14.19
N ASP A 48 -16.14 0.18 -13.15
CA ASP A 48 -17.23 -0.78 -13.24
C ASP A 48 -18.43 -0.42 -12.36
N TYR A 49 -18.29 0.51 -11.41
CA TYR A 49 -19.34 0.80 -10.44
C TYR A 49 -19.52 2.31 -10.28
N ARG A 50 -20.75 2.69 -9.96
CA ARG A 50 -20.98 3.97 -9.30
C ARG A 50 -20.61 3.81 -7.84
N VAL A 51 -19.70 4.64 -7.36
CA VAL A 51 -19.13 4.53 -6.02
C VAL A 51 -19.61 5.71 -5.20
N VAL A 52 -20.25 5.41 -4.07
CA VAL A 52 -20.76 6.44 -3.16
C VAL A 52 -19.88 6.47 -1.92
N LEU A 53 -19.24 7.60 -1.69
CA LEU A 53 -18.43 7.84 -0.51
C LEU A 53 -19.12 8.86 0.39
N PHE A 54 -19.04 8.65 1.70
CA PHE A 54 -19.55 9.63 2.65
C PHE A 54 -18.78 9.47 3.96
N ASP A 55 -18.91 10.47 4.82
CA ASP A 55 -18.34 10.46 6.16
C ASP A 55 -19.45 10.33 7.17
N ILE A 56 -19.23 9.51 8.20
CA ILE A 56 -20.21 9.41 9.27
C ILE A 56 -20.16 10.67 10.12
N MET A 57 -21.31 11.04 10.68
CA MET A 57 -21.40 12.30 11.40
C MET A 57 -20.51 12.25 12.63
N GLY A 58 -19.73 13.30 12.85
CA GLY A 58 -18.75 13.33 13.91
C GLY A 58 -17.32 13.16 13.44
N ALA A 59 -17.12 12.65 12.23
CA ALA A 59 -15.77 12.62 11.68
C ALA A 59 -15.18 14.03 11.66
N GLY A 60 -13.85 14.10 11.74
CA GLY A 60 -13.16 15.39 11.73
C GLY A 60 -13.40 16.22 10.49
N THR A 61 -13.95 15.62 9.43
CA THR A 61 -14.30 16.30 8.20
C THR A 61 -15.72 16.86 8.21
N THR A 62 -16.47 16.62 9.29
CA THR A 62 -17.84 17.11 9.40
C THR A 62 -17.89 18.26 10.40
N ASN A 63 -19.00 19.01 10.35
CA ASN A 63 -19.16 20.20 11.18
C ASN A 63 -19.46 19.80 12.62
N PRO A 64 -18.55 20.08 13.57
CA PRO A 64 -18.79 19.65 14.95
C PRO A 64 -19.87 20.45 15.67
N THR A 65 -20.08 21.72 15.28
CA THR A 65 -21.19 22.47 15.83
C THR A 65 -22.53 21.81 15.52
N TYR A 66 -22.57 20.99 14.47
CA TYR A 66 -23.79 20.28 14.10
C TYR A 66 -24.13 19.18 15.11
N PHE A 67 -23.12 18.41 15.50
CA PHE A 67 -23.26 17.08 16.11
C PHE A 67 -24.41 16.97 17.09
N ASN A 68 -25.32 16.03 16.80
CA ASN A 68 -26.52 15.77 17.61
C ASN A 68 -26.19 14.62 18.55
N PHE A 69 -25.82 14.96 19.79
CA PHE A 69 -25.35 13.94 20.72
C PHE A 69 -26.42 12.89 21.00
N GLU A 70 -27.69 13.29 21.10
CA GLU A 70 -28.73 12.30 21.36
C GLU A 70 -28.90 11.35 20.18
N ARG A 71 -28.91 11.87 18.96
CA ARG A 71 -29.09 11.03 17.78
C ARG A 71 -27.99 9.97 17.69
N TYR A 72 -26.75 10.35 17.99
CA TYR A 72 -25.61 9.46 17.83
C TYR A 72 -25.19 8.79 19.13
N SER A 73 -26.06 8.81 20.15
CA SER A 73 -25.86 8.01 21.35
C SER A 73 -26.27 6.56 21.14
N SER A 74 -26.81 6.25 19.96
CA SER A 74 -27.17 4.90 19.57
C SER A 74 -26.79 4.71 18.11
N LEU A 75 -26.43 3.48 17.75
CA LEU A 75 -26.08 3.22 16.36
C LEU A 75 -27.27 3.40 15.43
N GLU A 76 -28.51 3.37 15.96
CA GLU A 76 -29.67 3.59 15.12
C GLU A 76 -29.62 4.94 14.41
N GLY A 77 -29.06 5.96 15.08
CA GLY A 77 -28.91 7.25 14.43
C GLY A 77 -28.00 7.18 13.21
N TYR A 78 -26.92 6.40 13.30
CA TYR A 78 -26.05 6.25 12.14
C TYR A 78 -26.72 5.42 11.05
N ALA A 79 -27.51 4.43 11.45
CA ALA A 79 -28.25 3.65 10.45
C ALA A 79 -29.26 4.52 9.72
N GLY A 80 -29.95 5.39 10.46
CA GLY A 80 -30.85 6.33 9.81
C GLY A 80 -30.15 7.22 8.80
N ASP A 81 -28.92 7.65 9.12
CA ASP A 81 -28.16 8.48 8.20
C ASP A 81 -27.90 7.75 6.88
N VAL A 82 -27.50 6.48 6.95
CA VAL A 82 -27.26 5.72 5.72
C VAL A 82 -28.52 5.71 4.85
N ILE A 83 -29.67 5.41 5.46
CA ILE A 83 -30.91 5.35 4.70
C ILE A 83 -31.24 6.71 4.10
N ALA A 84 -31.03 7.78 4.88
CA ALA A 84 -31.35 9.13 4.38
C ALA A 84 -30.46 9.52 3.22
N ILE A 85 -29.19 9.09 3.24
CA ILE A 85 -28.27 9.41 2.15
C ILE A 85 -28.70 8.70 0.88
N LEU A 86 -29.04 7.42 0.98
CA LEU A 86 -29.45 6.66 -0.21
C LEU A 86 -30.74 7.23 -0.81
N GLU A 87 -31.70 7.61 0.05
CA GLU A 87 -32.95 8.15 -0.47
C GLU A 87 -32.74 9.53 -1.09
N GLU A 88 -31.89 10.35 -0.48
CA GLU A 88 -31.58 11.66 -1.06
C GLU A 88 -30.88 11.50 -2.41
N LEU A 89 -30.03 10.49 -2.54
CA LEU A 89 -29.39 10.19 -3.82
C LEU A 89 -30.29 9.39 -4.75
N GLN A 90 -31.50 9.01 -4.29
CA GLN A 90 -32.42 8.19 -5.06
C GLN A 90 -31.76 6.89 -5.52
N ILE A 91 -31.06 6.26 -4.58
CA ILE A 91 -30.46 4.94 -4.81
C ILE A 91 -31.37 3.91 -4.16
N SER A 92 -31.91 2.99 -4.97
CA SER A 92 -32.83 1.98 -4.47
C SER A 92 -32.15 0.64 -4.19
N SER A 93 -30.89 0.48 -4.57
CA SER A 93 -30.19 -0.78 -4.40
C SER A 93 -28.70 -0.53 -4.42
N CYS A 94 -27.97 -1.16 -3.50
CA CYS A 94 -26.52 -1.01 -3.50
C CYS A 94 -25.86 -2.21 -2.84
N VAL A 95 -24.58 -2.34 -3.11
CA VAL A 95 -23.68 -3.13 -2.28
C VAL A 95 -23.09 -2.18 -1.24
N TYR A 96 -23.21 -2.53 0.04
CA TYR A 96 -22.73 -1.67 1.11
C TYR A 96 -21.52 -2.32 1.75
N VAL A 97 -20.40 -1.59 1.77
CA VAL A 97 -19.17 -2.04 2.40
C VAL A 97 -18.97 -1.20 3.65
N GLY A 98 -19.02 -1.84 4.81
CA GLY A 98 -18.91 -1.13 6.07
C GLY A 98 -17.67 -1.47 6.87
N HIS A 99 -16.85 -0.46 7.14
CA HIS A 99 -15.62 -0.63 7.91
C HIS A 99 -15.89 -0.37 9.39
N SER A 100 -15.43 -1.28 10.25
CA SER A 100 -15.56 -1.17 11.71
C SER A 100 -16.98 -0.83 12.11
N VAL A 101 -17.22 0.30 12.78
CA VAL A 101 -18.59 0.58 13.25
C VAL A 101 -19.56 0.63 12.09
N SER A 102 -19.12 1.08 10.91
CA SER A 102 -20.03 1.13 9.77
C SER A 102 -20.49 -0.25 9.31
N ALA A 103 -19.82 -1.33 9.73
CA ALA A 103 -20.33 -2.67 9.45
C ALA A 103 -21.68 -2.89 10.13
N MET A 104 -21.73 -2.76 11.46
CA MET A 104 -22.98 -2.94 12.18
C MET A 104 -24.00 -1.87 11.82
N ILE A 105 -23.57 -0.66 11.49
CA ILE A 105 -24.51 0.36 11.03
C ILE A 105 -25.24 -0.13 9.79
N GLY A 106 -24.51 -0.75 8.86
CA GLY A 106 -25.15 -1.34 7.70
C GLY A 106 -26.05 -2.52 8.05
N VAL A 107 -25.62 -3.36 8.99
CA VAL A 107 -26.45 -4.46 9.45
C VAL A 107 -27.79 -3.93 9.95
N ILE A 108 -27.75 -2.88 10.78
CA ILE A 108 -28.97 -2.31 11.35
C ILE A 108 -29.84 -1.73 10.25
N ALA A 109 -29.25 -0.94 9.35
CA ALA A 109 -30.01 -0.36 8.24
C ALA A 109 -30.65 -1.43 7.36
N SER A 110 -29.97 -2.59 7.22
CA SER A 110 -30.47 -3.65 6.36
C SER A 110 -31.67 -4.37 6.97
N VAL A 111 -31.81 -4.38 8.29
CA VAL A 111 -32.99 -4.98 8.89
C VAL A 111 -34.19 -4.05 8.76
N THR A 112 -33.96 -2.74 8.87
CA THR A 112 -35.02 -1.77 8.68
C THR A 112 -35.45 -1.71 7.21
N ARG A 113 -34.47 -1.78 6.31
CA ARG A 113 -34.70 -1.56 4.87
C ARG A 113 -33.89 -2.57 4.08
N PRO A 114 -34.27 -3.84 4.11
CA PRO A 114 -33.55 -4.85 3.30
C PRO A 114 -33.62 -4.58 1.81
N ASP A 115 -34.62 -3.83 1.35
CA ASP A 115 -34.75 -3.54 -0.07
C ASP A 115 -33.60 -2.70 -0.61
N LEU A 116 -32.88 -1.99 0.26
CA LEU A 116 -31.83 -1.09 -0.20
C LEU A 116 -30.51 -1.79 -0.49
N PHE A 117 -30.34 -3.04 -0.08
CA PHE A 117 -29.03 -3.71 -0.13
C PHE A 117 -29.16 -5.06 -0.83
N THR A 118 -28.30 -5.30 -1.81
CA THR A 118 -28.15 -6.64 -2.35
C THR A 118 -27.08 -7.44 -1.64
N LYS A 119 -26.21 -6.78 -0.87
CA LYS A 119 -25.05 -7.43 -0.30
C LYS A 119 -24.44 -6.51 0.74
N LEU A 120 -24.03 -7.07 1.87
CA LEU A 120 -23.20 -6.36 2.83
C LEU A 120 -21.81 -6.96 2.82
N VAL A 121 -20.80 -6.10 2.88
CA VAL A 121 -19.40 -6.51 3.05
C VAL A 121 -18.89 -5.80 4.28
N THR A 122 -18.56 -6.55 5.32
CA THR A 122 -18.06 -5.97 6.56
C THR A 122 -16.55 -6.12 6.64
N VAL A 123 -15.88 -5.06 7.10
CA VAL A 123 -14.44 -5.06 7.32
C VAL A 123 -14.23 -4.75 8.79
N ALA A 124 -13.79 -5.75 9.55
CA ALA A 124 -13.49 -5.60 10.97
C ALA A 124 -14.72 -5.13 11.76
N GLY A 125 -15.89 -5.70 11.45
CA GLY A 125 -17.07 -5.42 12.22
C GLY A 125 -17.16 -6.24 13.49
N SER A 126 -17.94 -5.75 14.44
CA SER A 126 -18.20 -6.51 15.68
C SER A 126 -19.54 -6.09 16.25
N PRO A 127 -20.39 -7.04 16.64
CA PRO A 127 -21.68 -6.68 17.25
C PRO A 127 -21.58 -6.36 18.73
N ARG A 128 -20.43 -6.59 19.34
CA ARG A 128 -20.30 -6.50 20.78
C ARG A 128 -18.82 -6.61 21.15
N TYR A 129 -18.30 -5.61 21.86
CA TYR A 129 -16.90 -5.58 22.26
C TYR A 129 -16.68 -6.02 23.70
N LEU A 130 -17.71 -5.93 24.55
CA LEU A 130 -17.61 -6.31 25.93
C LEU A 130 -17.73 -7.83 26.07
N ASN A 131 -17.23 -8.35 27.19
CA ASN A 131 -17.22 -9.78 27.47
C ASN A 131 -18.37 -10.14 28.40
N ASP A 132 -18.86 -11.36 28.23
CA ASP A 132 -19.75 -11.98 29.21
C ASP A 132 -19.40 -13.46 29.24
N PRO A 133 -19.95 -14.24 30.18
CA PRO A 133 -19.49 -15.65 30.31
C PRO A 133 -19.61 -16.48 29.05
N ASP A 134 -20.51 -16.13 28.13
CA ASP A 134 -20.73 -16.92 26.92
C ASP A 134 -20.18 -16.26 25.65
N TYR A 135 -19.57 -15.09 25.75
CA TYR A 135 -19.18 -14.34 24.56
C TYR A 135 -17.95 -13.50 24.88
N PHE A 136 -16.92 -13.62 24.04
CA PHE A 136 -15.68 -12.87 24.23
C PHE A 136 -15.62 -11.78 23.15
N GLY A 137 -15.86 -10.54 23.56
CA GLY A 137 -15.78 -9.41 22.63
C GLY A 137 -14.41 -8.80 22.57
N GLY A 138 -13.61 -8.96 23.63
CA GLY A 138 -12.25 -8.49 23.67
C GLY A 138 -11.94 -7.44 24.72
N PHE A 139 -12.95 -6.83 25.36
CA PHE A 139 -12.71 -5.71 26.25
C PHE A 139 -13.53 -5.88 27.53
N ASP A 140 -12.97 -5.45 28.64
CA ASP A 140 -13.73 -5.36 29.89
C ASP A 140 -13.91 -3.90 30.28
N LEU A 141 -14.66 -3.69 31.36
CA LEU A 141 -15.16 -2.36 31.68
C LEU A 141 -14.06 -1.42 32.16
N ASP A 142 -13.14 -1.91 33.00
CA ASP A 142 -12.14 -0.99 33.52
C ASP A 142 -11.09 -0.65 32.47
N GLU A 143 -10.82 -1.58 31.56
CA GLU A 143 -10.00 -1.28 30.39
C GLU A 143 -10.59 -0.13 29.60
N LEU A 144 -11.90 -0.18 29.34
CA LEU A 144 -12.57 0.92 28.66
C LEU A 144 -12.54 2.19 29.50
N HIS A 145 -12.74 2.07 30.82
CA HIS A 145 -12.68 3.26 31.67
C HIS A 145 -11.35 3.97 31.53
N GLU A 146 -10.25 3.23 31.60
CA GLU A 146 -8.94 3.84 31.50
C GLU A 146 -8.70 4.41 30.11
N LEU A 147 -9.24 3.77 29.08
CA LEU A 147 -9.13 4.31 27.72
C LEU A 147 -9.87 5.65 27.63
N PHE A 148 -11.09 5.72 28.16
CA PHE A 148 -11.85 6.95 28.08
C PHE A 148 -11.24 8.05 28.94
N GLU A 149 -10.63 7.70 30.06
CA GLU A 149 -9.96 8.71 30.88
C GLU A 149 -8.76 9.29 30.16
N ALA A 150 -8.01 8.45 29.44
CA ALA A 150 -6.89 8.96 28.66
C ALA A 150 -7.36 9.95 27.59
N MET A 151 -8.50 9.67 26.97
CA MET A 151 -9.05 10.60 25.98
C MET A 151 -9.36 11.94 26.61
N LYS A 152 -9.86 11.93 27.86
CA LYS A 152 -10.18 13.17 28.54
C LYS A 152 -8.93 13.89 29.04
N GLU A 153 -7.92 13.15 29.48
CA GLU A 153 -6.77 13.75 30.13
C GLU A 153 -5.83 14.43 29.13
N ASN A 154 -5.57 13.78 27.99
CA ASN A 154 -4.63 14.33 27.01
C ASN A 154 -5.01 13.72 25.65
N TYR A 155 -5.90 14.40 24.92
CA TYR A 155 -6.46 13.81 23.71
C TYR A 155 -5.37 13.58 22.65
N LYS A 156 -4.44 14.53 22.50
CA LYS A 156 -3.40 14.34 21.49
C LYS A 156 -2.51 13.14 21.82
N ALA A 157 -2.10 13.02 23.08
CA ALA A 157 -1.29 11.86 23.47
C ALA A 157 -2.07 10.56 23.30
N TRP A 158 -3.38 10.60 23.57
CA TRP A 158 -4.19 9.41 23.33
C TRP A 158 -4.20 9.05 21.86
N CYS A 159 -4.50 10.02 20.99
CA CYS A 159 -4.51 9.75 19.54
C CYS A 159 -3.17 9.17 19.09
N SER A 160 -2.07 9.74 19.56
CA SER A 160 -0.75 9.30 19.11
C SER A 160 -0.43 7.89 19.58
N GLY A 161 -0.96 7.48 20.72
CA GLY A 161 -0.71 6.13 21.20
C GLY A 161 -1.71 5.13 20.64
N PHE A 162 -2.92 5.61 20.36
CA PHE A 162 -3.99 4.73 19.88
C PHE A 162 -3.80 4.35 18.43
N ALA A 163 -3.40 5.30 17.58
CA ALA A 163 -3.33 5.04 16.15
C ALA A 163 -2.39 3.90 15.79
N PRO A 164 -1.16 3.80 16.32
CA PRO A 164 -0.32 2.66 15.94
C PRO A 164 -0.88 1.33 16.43
N LEU A 165 -1.51 1.31 17.61
CA LEU A 165 -2.11 0.07 18.09
C LEU A 165 -3.31 -0.34 17.24
N CYS A 166 -4.11 0.62 16.83
CA CYS A 166 -5.30 0.32 16.02
C CYS A 166 -4.90 -0.12 14.61
N VAL A 167 -4.07 0.69 13.94
CA VAL A 167 -3.61 0.31 12.60
C VAL A 167 -2.72 -0.92 12.66
N GLY A 168 -2.06 -1.16 13.79
CA GLY A 168 -1.21 -2.33 13.94
C GLY A 168 0.13 -2.22 13.24
N ALA A 169 0.81 -1.09 13.41
CA ALA A 169 2.07 -0.83 12.73
C ALA A 169 2.87 0.17 13.55
N ASP A 170 4.13 0.37 13.15
CA ASP A 170 4.99 1.33 13.81
C ASP A 170 4.47 2.76 13.62
N MET A 171 5.01 3.66 14.43
CA MET A 171 4.56 5.05 14.43
C MET A 171 4.67 5.69 13.05
N GLU A 172 5.72 5.36 12.30
CA GLU A 172 5.96 6.05 11.03
C GLU A 172 5.19 5.44 9.85
N SER A 173 4.41 4.38 10.07
CA SER A 173 3.52 3.88 9.04
C SER A 173 2.69 5.00 8.44
N LEU A 174 2.54 4.99 7.11
CA LEU A 174 1.73 6.01 6.45
C LEU A 174 0.32 6.02 7.00
N ALA A 175 -0.27 4.83 7.15
CA ALA A 175 -1.64 4.74 7.65
C ALA A 175 -1.72 5.20 9.10
N VAL A 176 -0.71 4.87 9.91
CA VAL A 176 -0.71 5.33 11.30
C VAL A 176 -0.70 6.85 11.34
N GLN A 177 0.13 7.48 10.50
CA GLN A 177 0.21 8.93 10.51
C GLN A 177 -1.07 9.56 9.97
N GLU A 178 -1.67 8.97 8.94
CA GLU A 178 -2.95 9.47 8.46
C GLU A 178 -4.01 9.38 9.55
N PHE A 179 -4.09 8.23 10.19
CA PHE A 179 -5.12 7.97 11.20
C PHE A 179 -4.90 8.80 12.44
N SER A 180 -3.64 9.02 12.83
N SER A 180 -3.63 8.99 12.85
CA SER A 180 -3.37 9.90 13.97
CA SER A 180 -3.34 9.89 13.95
C SER A 180 -3.87 11.30 13.72
C SER A 180 -3.92 11.28 13.69
N ARG A 181 -3.77 11.78 12.47
CA ARG A 181 -4.23 13.12 12.14
C ARG A 181 -5.76 13.21 12.07
N THR A 182 -6.42 12.22 11.47
CA THR A 182 -7.88 12.28 11.42
C THR A 182 -8.50 12.09 12.80
N LEU A 183 -7.89 11.24 13.64
CA LEU A 183 -8.36 11.13 15.02
C LEU A 183 -8.29 12.46 15.73
N PHE A 184 -7.15 13.15 15.59
CA PHE A 184 -6.94 14.37 16.34
C PHE A 184 -7.73 15.55 15.78
N ASN A 185 -8.31 15.42 14.59
CA ASN A 185 -9.20 16.45 14.09
C ASN A 185 -10.63 16.32 14.61
N MET A 186 -10.96 15.22 15.32
CA MET A 186 -12.26 15.13 15.95
C MET A 186 -12.27 15.99 17.20
N ARG A 187 -13.39 16.65 17.47
CA ARG A 187 -13.51 17.40 18.71
C ARG A 187 -13.54 16.39 19.85
N PRO A 188 -12.78 16.60 20.93
CA PRO A 188 -12.60 15.52 21.91
C PRO A 188 -13.88 15.00 22.54
N ASP A 189 -14.86 15.88 22.81
CA ASP A 189 -16.10 15.39 23.39
C ASP A 189 -16.90 14.57 22.39
N ILE A 190 -16.84 14.91 21.10
CA ILE A 190 -17.52 14.12 20.08
C ILE A 190 -16.84 12.77 19.93
N ALA A 191 -15.50 12.76 19.88
CA ALA A 191 -14.77 11.50 19.77
C ALA A 191 -15.10 10.57 20.92
N LEU A 192 -15.15 11.11 22.14
CA LEU A 192 -15.48 10.30 23.31
C LEU A 192 -16.90 9.77 23.23
N SER A 193 -17.85 10.62 22.82
N SER A 193 -17.85 10.62 22.82
CA SER A 193 -19.25 10.21 22.75
CA SER A 193 -19.25 10.19 22.77
C SER A 193 -19.44 9.09 21.74
C SER A 193 -19.45 9.08 21.73
N ILE A 194 -18.84 9.22 20.56
CA ILE A 194 -18.96 8.19 19.53
C ILE A 194 -18.31 6.89 19.99
N LEU A 195 -17.12 6.97 20.59
CA LEU A 195 -16.42 5.74 20.98
C LEU A 195 -17.14 5.03 22.11
N GLN A 196 -17.79 5.78 23.00
CA GLN A 196 -18.63 5.14 24.02
C GLN A 196 -19.83 4.45 23.39
N THR A 197 -20.49 5.11 22.44
CA THR A 197 -21.61 4.48 21.73
C THR A 197 -21.16 3.17 21.10
N ILE A 198 -19.96 3.15 20.54
CA ILE A 198 -19.46 1.96 19.87
C ILE A 198 -19.14 0.86 20.87
N PHE A 199 -18.28 1.15 21.85
CA PHE A 199 -17.82 0.12 22.77
C PHE A 199 -18.91 -0.44 23.66
N TYR A 200 -20.01 0.29 23.87
CA TYR A 200 -21.11 -0.21 24.71
C TYR A 200 -22.29 -0.75 23.91
N SER A 201 -22.16 -0.83 22.59
CA SER A 201 -23.26 -1.30 21.76
C SER A 201 -23.48 -2.80 21.94
N ASP A 202 -24.66 -3.26 21.50
CA ASP A 202 -24.93 -4.70 21.46
C ASP A 202 -25.89 -4.93 20.29
N VAL A 203 -25.34 -5.36 19.15
CA VAL A 203 -26.13 -5.64 17.96
C VAL A 203 -26.40 -7.13 17.81
N ARG A 204 -25.90 -7.94 18.74
CA ARG A 204 -26.11 -9.40 18.70
C ARG A 204 -27.57 -9.80 18.52
N PRO A 205 -28.54 -9.23 19.24
CA PRO A 205 -29.93 -9.67 19.04
C PRO A 205 -30.44 -9.46 17.62
N LEU A 206 -29.85 -8.53 16.86
CA LEU A 206 -30.32 -8.23 15.53
C LEU A 206 -29.79 -9.17 14.46
N LEU A 207 -28.67 -9.84 14.71
CA LEU A 207 -28.04 -10.65 13.65
C LEU A 207 -28.97 -11.70 13.06
N PRO A 208 -29.75 -12.46 13.84
CA PRO A 208 -30.64 -13.46 13.21
C PRO A 208 -31.69 -12.86 12.29
N HIS A 209 -31.99 -11.57 12.43
CA HIS A 209 -33.00 -10.91 11.62
C HIS A 209 -32.45 -10.34 10.33
N VAL A 210 -31.13 -10.42 10.11
CA VAL A 210 -30.54 -10.02 8.84
C VAL A 210 -30.96 -11.01 7.76
N THR A 211 -31.35 -10.48 6.60
CA THR A 211 -31.64 -11.30 5.44
C THR A 211 -30.72 -11.02 4.25
N VAL A 212 -30.03 -9.89 4.24
CA VAL A 212 -29.10 -9.55 3.15
C VAL A 212 -27.85 -10.41 3.30
N PRO A 213 -27.33 -11.01 2.22
CA PRO A 213 -26.09 -11.79 2.33
C PRO A 213 -24.94 -10.91 2.77
N CYS A 214 -24.05 -11.47 3.60
N CYS A 214 -24.09 -11.46 3.62
CA CYS A 214 -23.01 -10.68 4.25
CA CYS A 214 -22.99 -10.73 4.23
C CYS A 214 -21.65 -11.36 4.11
C CYS A 214 -21.66 -11.42 3.94
N HIS A 215 -20.67 -10.62 3.58
CA HIS A 215 -19.30 -11.11 3.40
C HIS A 215 -18.46 -10.53 4.52
N ILE A 216 -17.96 -11.39 5.40
CA ILE A 216 -17.34 -10.98 6.67
C ILE A 216 -15.82 -11.06 6.55
N ILE A 217 -15.16 -9.90 6.55
CA ILE A 217 -13.71 -9.80 6.35
C ILE A 217 -13.06 -9.17 7.58
N GLN A 218 -11.91 -9.72 8.00
CA GLN A 218 -11.09 -9.02 9.00
C GLN A 218 -9.64 -9.49 8.89
N SER A 219 -8.74 -8.67 9.42
CA SER A 219 -7.37 -9.10 9.64
C SER A 219 -7.33 -10.17 10.73
N VAL A 220 -6.44 -11.14 10.57
CA VAL A 220 -6.27 -12.17 11.60
C VAL A 220 -5.86 -11.53 12.93
N LYS A 221 -5.07 -10.47 12.87
CA LYS A 221 -4.62 -9.75 14.05
C LYS A 221 -5.26 -8.37 14.01
N ASP A 222 -6.32 -8.19 14.79
CA ASP A 222 -7.06 -6.94 14.88
C ASP A 222 -7.29 -6.64 16.36
N LEU A 223 -6.76 -5.49 16.81
CA LEU A 223 -6.85 -5.12 18.22
C LEU A 223 -8.29 -5.09 18.73
N ALA A 224 -9.24 -4.76 17.86
CA ALA A 224 -10.62 -4.53 18.27
C ALA A 224 -11.55 -5.70 18.01
N VAL A 225 -11.12 -6.70 17.25
CA VAL A 225 -12.02 -7.77 16.83
C VAL A 225 -11.31 -9.11 16.92
N PRO A 226 -11.57 -9.92 17.95
CA PRO A 226 -11.07 -11.30 17.93
C PRO A 226 -11.67 -12.04 16.74
N VAL A 227 -10.88 -12.93 16.14
CA VAL A 227 -11.37 -13.70 15.01
C VAL A 227 -12.62 -14.47 15.40
N ALA A 228 -12.68 -14.94 16.65
CA ALA A 228 -13.86 -15.65 17.13
C ALA A 228 -15.12 -14.82 17.01
N VAL A 229 -15.00 -13.48 17.06
CA VAL A 229 -16.17 -12.63 16.85
C VAL A 229 -16.65 -12.73 15.41
N SER A 230 -15.73 -12.74 14.44
CA SER A 230 -16.15 -12.93 13.05
C SER A 230 -16.82 -14.28 12.85
N GLU A 231 -16.29 -15.32 13.49
CA GLU A 231 -16.96 -16.61 13.45
C GLU A 231 -18.36 -16.53 14.04
N TYR A 232 -18.51 -15.84 15.17
CA TYR A 232 -19.81 -15.67 15.78
C TYR A 232 -20.79 -14.98 14.84
N ILE A 233 -20.33 -13.92 14.15
CA ILE A 233 -21.22 -13.24 13.21
C ILE A 233 -21.71 -14.21 12.14
N HIS A 234 -20.78 -14.97 11.56
CA HIS A 234 -21.16 -15.93 10.52
C HIS A 234 -22.20 -16.91 11.05
N GLN A 235 -22.03 -17.37 12.29
CA GLN A 235 -22.95 -18.37 12.83
C GLN A 235 -24.31 -17.79 13.18
N SER A 236 -24.41 -16.47 13.38
CA SER A 236 -25.63 -15.87 13.91
C SER A 236 -26.50 -15.21 12.85
N LEU A 237 -25.96 -14.90 11.68
CA LEU A 237 -26.71 -14.15 10.68
C LEU A 237 -27.87 -14.97 10.11
N GLY A 238 -28.96 -14.28 9.80
CA GLY A 238 -30.16 -14.91 9.27
C GLY A 238 -30.20 -15.12 7.77
N GLY A 239 -29.23 -14.59 7.04
CA GLY A 239 -29.09 -14.84 5.62
C GLY A 239 -27.84 -15.62 5.30
N GLU A 240 -27.49 -15.62 4.00
CA GLU A 240 -26.24 -16.25 3.58
C GLU A 240 -25.06 -15.43 4.09
N SER A 241 -23.96 -16.10 4.37
CA SER A 241 -22.76 -15.37 4.76
C SER A 241 -21.52 -16.21 4.46
N ILE A 242 -20.40 -15.51 4.34
CA ILE A 242 -19.10 -16.14 4.13
C ILE A 242 -18.07 -15.38 4.95
N LEU A 243 -17.08 -16.12 5.45
CA LEU A 243 -16.04 -15.58 6.31
C LEU A 243 -14.71 -15.66 5.57
N GLU A 244 -13.99 -14.55 5.49
CA GLU A 244 -12.62 -14.55 4.98
C GLU A 244 -11.73 -13.79 5.95
N VAL A 245 -11.00 -14.54 6.76
CA VAL A 245 -9.96 -13.98 7.61
C VAL A 245 -8.71 -13.79 6.77
N MET A 246 -8.15 -12.59 6.80
CA MET A 246 -7.01 -12.25 5.96
C MET A 246 -5.72 -12.44 6.74
N ALA A 247 -4.64 -12.76 6.01
CA ALA A 247 -3.32 -12.90 6.60
C ALA A 247 -2.65 -11.53 6.71
N THR A 248 -3.38 -10.58 7.31
CA THR A 248 -2.89 -9.24 7.52
C THR A 248 -3.05 -8.87 8.99
N GLU A 249 -2.37 -7.81 9.40
CA GLU A 249 -2.56 -7.24 10.73
C GLU A 249 -3.13 -5.84 10.57
N GLY A 250 -4.09 -5.50 11.41
CA GLY A 250 -4.55 -4.13 11.50
C GLY A 250 -6.04 -3.92 11.33
N HIS A 251 -6.55 -2.88 11.98
CA HIS A 251 -7.97 -2.59 11.98
C HIS A 251 -8.39 -1.70 10.81
N LEU A 252 -7.42 -1.12 10.07
CA LEU A 252 -7.67 -0.37 8.84
C LEU A 252 -6.93 -1.04 7.69
N PRO A 253 -7.17 -2.33 7.45
CA PRO A 253 -6.31 -3.08 6.51
C PRO A 253 -6.41 -2.60 5.07
N GLN A 254 -7.54 -2.00 4.68
CA GLN A 254 -7.66 -1.49 3.32
C GLN A 254 -6.76 -0.28 3.09
N LEU A 255 -6.32 0.38 4.15
CA LEU A 255 -5.41 1.51 4.04
C LEU A 255 -3.96 1.12 4.26
N SER A 256 -3.68 0.19 5.17
CA SER A 256 -2.30 -0.15 5.51
C SER A 256 -1.74 -1.28 4.66
N SER A 257 -2.59 -2.20 4.18
CA SER A 257 -2.11 -3.33 3.37
C SER A 257 -2.90 -3.45 2.07
N PRO A 258 -3.00 -2.37 1.28
CA PRO A 258 -3.88 -2.42 0.10
C PRO A 258 -3.44 -3.43 -0.94
N ASP A 259 -2.15 -3.75 -1.02
CA ASP A 259 -1.67 -4.67 -2.06
C ASP A 259 -2.39 -6.00 -2.01
N VAL A 260 -2.71 -6.49 -0.82
CA VAL A 260 -3.42 -7.75 -0.69
C VAL A 260 -4.88 -7.57 -0.25
N VAL A 261 -5.21 -6.47 0.42
CA VAL A 261 -6.57 -6.31 0.94
C VAL A 261 -7.52 -5.80 -0.14
N VAL A 262 -7.04 -4.93 -1.03
CA VAL A 262 -7.90 -4.50 -2.15
C VAL A 262 -8.36 -5.68 -2.99
N PRO A 263 -7.50 -6.63 -3.38
CA PRO A 263 -8.01 -7.83 -4.07
C PRO A 263 -9.07 -8.58 -3.30
N VAL A 264 -8.93 -8.71 -1.98
CA VAL A 264 -9.94 -9.40 -1.18
C VAL A 264 -11.27 -8.67 -1.27
N LEU A 265 -11.24 -7.35 -1.07
CA LEU A 265 -12.47 -6.57 -1.11
C LEU A 265 -13.13 -6.64 -2.49
N LEU A 266 -12.32 -6.56 -3.56
CA LEU A 266 -12.86 -6.64 -4.91
C LEU A 266 -13.60 -7.95 -5.14
N ARG A 267 -13.00 -9.07 -4.71
CA ARG A 267 -13.65 -10.36 -4.89
C ARG A 267 -15.01 -10.40 -4.21
N HIS A 268 -15.08 -9.91 -2.98
CA HIS A 268 -16.33 -9.98 -2.24
C HIS A 268 -17.35 -8.97 -2.72
N ILE A 269 -16.91 -7.81 -3.21
CA ILE A 269 -17.86 -6.89 -3.85
C ILE A 269 -18.39 -7.50 -5.14
N ARG A 270 -17.54 -8.18 -5.91
CA ARG A 270 -17.89 -8.59 -7.26
C ARG A 270 -18.70 -9.89 -7.30
N TYR A 271 -18.40 -10.84 -6.42
CA TYR A 271 -18.92 -12.20 -6.54
C TYR A 271 -19.94 -12.53 -5.45
N ALA A 272 -20.91 -13.35 -5.83
CA ALA A 272 -21.96 -13.79 -4.91
C ALA A 272 -21.55 -15.09 -4.24
N ILE A 273 -22.19 -15.36 -3.10
CA ILE A 273 -21.87 -16.54 -2.30
C ILE A 273 -22.37 -17.79 -3.02
N ALA A 274 -21.48 -18.77 -3.14
CA ALA A 274 -21.85 -20.01 -3.82
C ALA A 274 -22.78 -20.83 -2.95
N ARG A 275 -23.87 -21.31 -3.54
CA ARG A 275 -24.83 -22.15 -2.83
C ARG A 275 -25.36 -21.47 -1.57
N GLY B 4 8.56 14.51 -28.67
CA GLY B 4 7.55 15.10 -27.81
C GLY B 4 8.13 15.66 -26.52
N SER B 5 9.19 15.02 -26.03
CA SER B 5 9.87 15.45 -24.83
C SER B 5 10.92 16.51 -25.15
N MET B 6 11.41 17.18 -24.10
CA MET B 6 12.33 18.29 -24.28
C MET B 6 13.77 17.82 -24.45
N GLY B 7 13.95 16.68 -25.11
CA GLY B 7 15.29 16.18 -25.40
C GLY B 7 15.28 14.75 -25.86
N LEU B 8 16.39 14.31 -26.47
CA LEU B 8 16.46 12.96 -27.01
C LEU B 8 16.34 11.91 -25.91
N ALA B 9 17.14 12.04 -24.85
CA ALA B 9 17.12 11.07 -23.77
C ALA B 9 15.80 11.11 -23.01
N GLN B 10 15.24 12.31 -22.82
CA GLN B 10 13.94 12.41 -22.17
C GLN B 10 12.87 11.68 -22.96
N GLU B 11 12.91 11.78 -24.29
CA GLU B 11 11.91 11.10 -25.11
C GLU B 11 12.09 9.60 -25.05
N ALA B 12 13.33 9.13 -25.22
CA ALA B 12 13.60 7.69 -25.30
C ALA B 12 13.30 6.97 -24.00
N HIS B 13 13.47 7.64 -22.86
CA HIS B 13 13.31 7.02 -21.56
C HIS B 13 12.02 7.43 -20.84
N ASN B 14 11.10 8.09 -21.54
CA ASN B 14 9.81 8.49 -20.96
C ASN B 14 10.01 9.29 -19.67
N VAL B 15 10.93 10.25 -19.73
CA VAL B 15 11.26 11.03 -18.55
C VAL B 15 10.09 11.92 -18.18
N ARG B 16 9.73 11.92 -16.90
CA ARG B 16 8.71 12.82 -16.37
C ARG B 16 9.31 13.57 -15.20
N VAL B 17 9.11 14.90 -15.20
CA VAL B 17 9.61 15.79 -14.16
C VAL B 17 8.40 16.32 -13.40
N LEU B 18 8.36 16.08 -12.10
CA LEU B 18 7.24 16.47 -11.25
C LEU B 18 7.75 17.26 -10.05
N GLY B 19 6.83 17.91 -9.35
CA GLY B 19 7.15 18.63 -8.13
C GLY B 19 8.09 19.80 -8.35
N SER B 20 8.65 20.29 -7.24
CA SER B 20 9.60 21.40 -7.28
C SER B 20 10.32 21.48 -5.95
N GLY B 21 11.52 22.07 -5.99
CA GLY B 21 12.31 22.26 -4.80
C GLY B 21 13.78 22.47 -5.09
N PRO B 22 14.56 22.85 -4.07
CA PRO B 22 16.00 23.07 -4.28
C PRO B 22 16.79 21.79 -4.49
N GLN B 23 16.21 20.63 -4.19
CA GLN B 23 16.88 19.34 -4.37
C GLN B 23 16.06 18.49 -5.32
N THR B 24 16.74 17.79 -6.21
CA THR B 24 16.12 16.90 -7.17
C THR B 24 16.33 15.45 -6.76
N VAL B 25 15.27 14.66 -6.81
CA VAL B 25 15.32 13.23 -6.50
C VAL B 25 15.03 12.47 -7.79
N VAL B 26 15.96 11.58 -8.15
CA VAL B 26 15.85 10.77 -9.37
C VAL B 26 15.49 9.35 -8.95
N LEU B 27 14.42 8.81 -9.53
CA LEU B 27 13.89 7.49 -9.18
C LEU B 27 14.11 6.56 -10.36
N ALA B 28 14.85 5.47 -10.12
CA ALA B 28 15.29 4.56 -11.19
C ALA B 28 14.89 3.14 -10.83
N HIS B 29 14.12 2.50 -11.73
CA HIS B 29 13.50 1.21 -11.46
C HIS B 29 14.39 0.05 -11.90
N GLY B 30 13.99 -1.16 -11.52
CA GLY B 30 14.73 -2.37 -11.84
C GLY B 30 14.09 -3.20 -12.94
N PHE B 31 14.69 -4.38 -13.16
CA PHE B 31 14.29 -5.22 -14.28
C PHE B 31 12.82 -5.62 -14.19
N GLY B 32 12.14 -5.58 -15.34
CA GLY B 32 10.82 -6.13 -15.46
C GLY B 32 9.69 -5.20 -15.11
N THR B 33 10.00 -4.05 -14.53
CA THR B 33 8.98 -3.06 -14.20
C THR B 33 9.32 -1.75 -14.92
N ASP B 34 8.72 -0.65 -14.50
CA ASP B 34 9.07 0.66 -15.06
C ASP B 34 8.88 1.69 -13.95
N GLN B 35 8.85 2.97 -14.32
CA GLN B 35 8.78 4.03 -13.32
C GLN B 35 7.49 3.96 -12.49
N SER B 36 6.49 3.20 -12.93
CA SER B 36 5.29 3.03 -12.12
C SER B 36 5.56 2.32 -10.80
N VAL B 37 6.72 1.66 -10.66
CA VAL B 37 7.04 1.00 -9.40
C VAL B 37 7.10 2.00 -8.25
N TRP B 38 7.28 3.28 -8.56
CA TRP B 38 7.40 4.34 -7.57
C TRP B 38 6.07 5.04 -7.29
N LYS B 39 4.94 4.44 -7.70
CA LYS B 39 3.67 5.18 -7.71
C LYS B 39 3.26 5.64 -6.31
N TYR B 40 3.66 4.90 -5.27
CA TYR B 40 3.25 5.29 -3.92
C TYR B 40 4.26 6.19 -3.22
N LEU B 41 5.48 6.27 -3.73
CA LEU B 41 6.48 7.17 -3.17
C LEU B 41 6.32 8.58 -3.70
N VAL B 42 6.02 8.72 -5.01
CA VAL B 42 6.06 10.03 -5.64
C VAL B 42 5.17 11.06 -4.96
N PRO B 43 3.91 10.78 -4.60
CA PRO B 43 3.10 11.83 -3.97
C PRO B 43 3.70 12.41 -2.70
N HIS B 44 4.55 11.66 -2.02
CA HIS B 44 5.17 12.13 -0.78
C HIS B 44 6.47 12.89 -1.01
N LEU B 45 6.89 13.04 -2.26
CA LEU B 45 8.09 13.81 -2.58
C LEU B 45 7.80 15.13 -3.28
N VAL B 46 6.71 15.22 -4.05
CA VAL B 46 6.58 16.30 -5.03
C VAL B 46 6.43 17.67 -4.35
N GLU B 47 5.92 17.71 -3.12
CA GLU B 47 5.74 19.00 -2.47
C GLU B 47 7.07 19.62 -2.05
N ASP B 48 8.08 18.79 -1.81
CA ASP B 48 9.36 19.25 -1.28
C ASP B 48 10.51 19.13 -2.27
N TYR B 49 10.37 18.29 -3.30
CA TYR B 49 11.46 17.97 -4.21
C TYR B 49 10.98 18.06 -5.65
N ARG B 50 11.90 18.40 -6.54
CA ARG B 50 11.71 18.08 -7.95
C ARG B 50 12.00 16.59 -8.12
N VAL B 51 11.09 15.88 -8.77
CA VAL B 51 11.18 14.43 -8.93
C VAL B 51 11.33 14.11 -10.40
N VAL B 52 12.34 13.32 -10.73
CA VAL B 52 12.61 12.89 -12.10
C VAL B 52 12.42 11.39 -12.15
N LEU B 53 11.47 10.94 -12.99
CA LEU B 53 11.22 9.54 -13.22
C LEU B 53 11.62 9.18 -14.64
N PHE B 54 12.15 7.97 -14.82
CA PHE B 54 12.49 7.52 -16.17
C PHE B 54 12.46 6.01 -16.21
N ASP B 55 12.42 5.48 -17.42
CA ASP B 55 12.46 4.04 -17.65
C ASP B 55 13.81 3.65 -18.23
N ILE B 56 14.36 2.53 -17.76
CA ILE B 56 15.61 2.05 -18.32
C ILE B 56 15.33 1.47 -19.71
N MET B 57 16.33 1.55 -20.59
CA MET B 57 16.14 1.11 -21.95
C MET B 57 15.90 -0.40 -22.00
N GLY B 58 14.86 -0.80 -22.73
CA GLY B 58 14.47 -2.18 -22.78
C GLY B 58 13.20 -2.50 -22.00
N ALA B 59 12.82 -1.61 -21.08
CA ALA B 59 11.53 -1.79 -20.41
C ALA B 59 10.41 -1.79 -21.44
N GLY B 60 9.32 -2.48 -21.12
CA GLY B 60 8.21 -2.61 -22.06
C GLY B 60 7.65 -1.29 -22.54
N THR B 61 7.83 -0.24 -21.74
CA THR B 61 7.36 1.10 -22.10
C THR B 61 8.28 1.82 -23.07
N THR B 62 9.44 1.25 -23.41
CA THR B 62 10.38 1.90 -24.32
C THR B 62 10.33 1.23 -25.70
N ASN B 63 10.93 1.91 -26.67
CA ASN B 63 10.82 1.47 -28.06
C ASN B 63 11.83 0.34 -28.31
N PRO B 64 11.36 -0.80 -28.77
CA PRO B 64 12.23 -1.95 -28.94
C PRO B 64 13.33 -1.81 -29.96
N THR B 65 13.55 -0.58 -30.40
CA THR B 65 14.64 -0.30 -31.34
C THR B 65 15.56 0.86 -30.97
N TYR B 66 15.33 1.35 -29.76
CA TYR B 66 16.28 2.18 -29.06
C TYR B 66 17.29 1.14 -28.38
N PHE B 67 16.87 -0.11 -28.21
CA PHE B 67 17.64 -1.18 -27.70
C PHE B 67 18.84 -1.61 -28.56
N ASN B 68 19.94 -1.11 -28.10
CA ASN B 68 21.25 -1.36 -28.70
C ASN B 68 21.83 -2.53 -27.92
N PHE B 69 21.78 -3.74 -28.48
CA PHE B 69 22.19 -4.93 -27.73
C PHE B 69 23.62 -4.83 -27.24
N GLU B 70 24.52 -4.26 -28.05
CA GLU B 70 25.90 -4.13 -27.62
C GLU B 70 26.03 -3.19 -26.43
N ARG B 71 25.33 -2.06 -26.49
CA ARG B 71 25.42 -1.08 -25.40
C ARG B 71 24.90 -1.66 -24.10
N TYR B 72 23.80 -2.41 -24.15
CA TYR B 72 23.18 -2.89 -22.93
C TYR B 72 23.63 -4.30 -22.56
N SER B 73 24.67 -4.81 -23.23
CA SER B 73 25.35 -6.02 -22.76
C SER B 73 26.28 -5.73 -21.58
N SER B 74 26.38 -4.47 -21.17
CA SER B 74 27.16 -4.04 -20.02
C SER B 74 26.35 -3.07 -19.20
N LEU B 75 26.44 -3.18 -17.88
CA LEU B 75 25.81 -2.18 -17.01
C LEU B 75 26.39 -0.79 -17.25
N GLU B 76 27.58 -0.70 -17.84
CA GLU B 76 28.15 0.60 -18.18
C GLU B 76 27.24 1.36 -19.15
N GLY B 77 26.57 0.64 -20.06
CA GLY B 77 25.65 1.30 -20.97
C GLY B 77 24.47 1.91 -20.24
N TYR B 78 23.99 1.24 -19.19
CA TYR B 78 22.91 1.82 -18.40
C TYR B 78 23.42 2.98 -17.55
N ALA B 79 24.65 2.89 -17.06
CA ALA B 79 25.21 4.02 -16.32
C ALA B 79 25.38 5.23 -17.23
N GLY B 80 25.82 5.00 -18.47
CA GLY B 80 25.89 6.09 -19.43
C GLY B 80 24.55 6.74 -19.69
N ASP B 81 23.48 5.93 -19.72
CA ASP B 81 22.14 6.48 -19.93
C ASP B 81 21.74 7.42 -18.79
N VAL B 82 22.06 7.05 -17.55
CA VAL B 82 21.73 7.91 -16.41
C VAL B 82 22.46 9.24 -16.53
N ILE B 83 23.75 9.18 -16.85
CA ILE B 83 24.53 10.40 -16.98
C ILE B 83 23.96 11.29 -18.09
N ALA B 84 23.59 10.68 -19.21
CA ALA B 84 23.07 11.46 -20.33
C ALA B 84 21.74 12.12 -19.96
N ILE B 85 20.88 11.42 -19.21
CA ILE B 85 19.61 12.00 -18.80
C ILE B 85 19.85 13.18 -17.87
N LEU B 86 20.73 13.01 -16.88
CA LEU B 86 21.01 14.10 -15.94
C LEU B 86 21.64 15.30 -16.65
N GLU B 87 22.57 15.05 -17.57
CA GLU B 87 23.17 16.15 -18.32
C GLU B 87 22.14 16.87 -19.17
N GLU B 88 21.25 16.11 -19.81
CA GLU B 88 20.23 16.73 -20.65
C GLU B 88 19.32 17.64 -19.82
N LEU B 89 18.98 17.22 -18.60
CA LEU B 89 18.17 18.01 -17.69
C LEU B 89 18.96 19.04 -16.92
N GLN B 90 20.28 19.10 -17.11
CA GLN B 90 21.16 20.04 -16.39
C GLN B 90 21.05 19.85 -14.88
N ILE B 91 21.04 18.59 -14.44
CA ILE B 91 20.91 18.24 -13.04
C ILE B 91 22.28 17.89 -12.48
N SER B 92 22.58 18.42 -11.29
CA SER B 92 23.79 18.05 -10.56
C SER B 92 23.41 17.81 -9.11
N SER B 93 24.24 17.01 -8.43
CA SER B 93 24.10 16.76 -7.00
C SER B 93 22.70 16.28 -6.63
N CYS B 94 22.15 15.37 -7.44
CA CYS B 94 20.82 14.85 -7.17
C CYS B 94 20.87 13.75 -6.13
N VAL B 95 19.71 13.45 -5.54
CA VAL B 95 19.52 12.22 -4.80
C VAL B 95 19.03 11.18 -5.79
N TYR B 96 19.79 10.10 -5.95
CA TYR B 96 19.47 9.03 -6.90
C TYR B 96 19.01 7.81 -6.12
N VAL B 97 17.76 7.40 -6.35
CA VAL B 97 17.18 6.22 -5.73
C VAL B 97 17.12 5.12 -6.79
N GLY B 98 17.92 4.07 -6.61
CA GLY B 98 17.99 3.01 -7.58
C GLY B 98 17.44 1.69 -7.09
N HIS B 99 16.47 1.14 -7.81
CA HIS B 99 15.85 -0.13 -7.47
C HIS B 99 16.52 -1.27 -8.24
N SER B 100 16.92 -2.32 -7.51
CA SER B 100 17.50 -3.54 -8.07
C SER B 100 18.68 -3.18 -8.96
N VAL B 101 18.64 -3.53 -10.26
CA VAL B 101 19.80 -3.23 -11.12
C VAL B 101 20.12 -1.75 -11.12
N SER B 102 19.12 -0.89 -11.02
CA SER B 102 19.39 0.55 -11.06
C SER B 102 20.20 1.01 -9.85
N ALA B 103 20.28 0.20 -8.79
CA ALA B 103 21.16 0.52 -7.68
C ALA B 103 22.62 0.51 -8.13
N MET B 104 23.07 -0.62 -8.68
CA MET B 104 24.44 -0.71 -9.15
C MET B 104 24.69 0.22 -10.34
N ILE B 105 23.65 0.46 -11.16
CA ILE B 105 23.80 1.42 -12.25
C ILE B 105 24.21 2.80 -11.71
N GLY B 106 23.56 3.23 -10.63
CA GLY B 106 23.94 4.50 -10.03
C GLY B 106 25.30 4.46 -9.37
N VAL B 107 25.60 3.35 -8.70
CA VAL B 107 26.95 3.11 -8.16
C VAL B 107 27.99 3.31 -9.25
N ILE B 108 27.80 2.64 -10.39
CA ILE B 108 28.76 2.73 -11.48
C ILE B 108 28.90 4.17 -11.95
N ALA B 109 27.78 4.83 -12.22
CA ALA B 109 27.83 6.22 -12.67
C ALA B 109 28.51 7.14 -11.66
N SER B 110 28.36 6.85 -10.36
CA SER B 110 28.87 7.72 -9.32
C SER B 110 30.39 7.66 -9.20
N VAL B 111 31.01 6.57 -9.64
CA VAL B 111 32.47 6.46 -9.53
C VAL B 111 33.16 7.47 -10.43
N THR B 112 32.66 7.66 -11.66
CA THR B 112 33.30 8.57 -12.60
C THR B 112 32.61 9.92 -12.69
N ARG B 113 31.38 10.05 -12.19
CA ARG B 113 30.67 11.33 -12.18
C ARG B 113 30.07 11.60 -10.80
N PRO B 114 30.91 11.71 -9.77
CA PRO B 114 30.38 11.99 -8.42
C PRO B 114 29.71 13.33 -8.32
N ASP B 115 29.99 14.26 -9.24
CA ASP B 115 29.36 15.57 -9.22
C ASP B 115 27.86 15.50 -9.44
N LEU B 116 27.37 14.45 -10.10
CA LEU B 116 25.96 14.35 -10.40
C LEU B 116 25.13 13.85 -9.23
N PHE B 117 25.76 13.34 -8.17
CA PHE B 117 25.04 12.68 -7.08
C PHE B 117 25.51 13.21 -5.74
N THR B 118 24.59 13.72 -4.94
CA THR B 118 24.89 13.99 -3.55
C THR B 118 24.67 12.77 -2.67
N LYS B 119 23.86 11.81 -3.11
CA LYS B 119 23.50 10.66 -2.33
C LYS B 119 22.99 9.57 -3.25
N LEU B 120 23.30 8.32 -2.91
CA LEU B 120 22.66 7.16 -3.53
C LEU B 120 21.79 6.47 -2.48
N VAL B 121 20.57 6.14 -2.86
CA VAL B 121 19.70 5.29 -2.05
C VAL B 121 19.39 4.05 -2.89
N THR B 122 19.82 2.89 -2.41
CA THR B 122 19.65 1.65 -3.14
C THR B 122 18.55 0.82 -2.50
N VAL B 123 17.69 0.24 -3.35
CA VAL B 123 16.61 -0.62 -2.91
C VAL B 123 16.82 -1.99 -3.55
N ALA B 124 17.20 -2.98 -2.74
CA ALA B 124 17.43 -4.35 -3.20
C ALA B 124 18.54 -4.43 -4.24
N GLY B 125 19.61 -3.66 -4.04
CA GLY B 125 20.75 -3.75 -4.91
C GLY B 125 21.66 -4.92 -4.57
N SER B 126 22.41 -5.38 -5.56
CA SER B 126 23.44 -6.40 -5.36
C SER B 126 24.56 -6.22 -6.38
N PRO B 127 25.82 -6.25 -5.95
CA PRO B 127 26.93 -6.16 -6.90
C PRO B 127 27.28 -7.48 -7.56
N ARG B 128 26.69 -8.58 -7.10
CA ARG B 128 27.08 -9.91 -7.57
C ARG B 128 26.06 -10.93 -7.08
N TYR B 129 25.41 -11.63 -8.01
CA TYR B 129 24.40 -12.62 -7.65
C TYR B 129 24.95 -14.03 -7.53
N LEU B 130 26.07 -14.31 -8.19
CA LEU B 130 26.64 -15.65 -8.21
C LEU B 130 27.47 -15.93 -6.96
N ASN B 131 27.59 -17.20 -6.62
CA ASN B 131 28.36 -17.61 -5.46
C ASN B 131 29.80 -17.93 -5.86
N ASP B 132 30.73 -17.65 -4.96
CA ASP B 132 32.11 -18.09 -5.15
C ASP B 132 32.67 -18.49 -3.79
N PRO B 133 33.90 -19.06 -3.72
CA PRO B 133 34.46 -19.50 -2.43
C PRO B 133 34.19 -18.60 -1.24
N ASP B 134 34.38 -17.28 -1.38
CA ASP B 134 34.28 -16.37 -0.24
C ASP B 134 33.18 -15.32 -0.42
N TYR B 135 32.15 -15.60 -1.22
CA TYR B 135 31.08 -14.65 -1.42
C TYR B 135 29.80 -15.40 -1.79
N PHE B 136 28.75 -15.21 -1.01
CA PHE B 136 27.45 -15.81 -1.28
C PHE B 136 26.53 -14.73 -1.84
N GLY B 137 26.27 -14.81 -3.15
CA GLY B 137 25.38 -13.87 -3.80
C GLY B 137 23.96 -14.39 -3.86
N GLY B 138 23.79 -15.69 -3.71
CA GLY B 138 22.48 -16.32 -3.67
C GLY B 138 22.16 -17.25 -4.82
N PHE B 139 23.00 -17.31 -5.85
CA PHE B 139 22.70 -18.08 -7.05
C PHE B 139 23.94 -18.84 -7.50
N ASP B 140 23.72 -20.01 -8.08
CA ASP B 140 24.78 -20.79 -8.72
C ASP B 140 24.53 -20.87 -10.22
N LEU B 141 25.53 -21.38 -10.94
CA LEU B 141 25.49 -21.34 -12.40
C LEU B 141 24.39 -22.21 -12.98
N ASP B 142 24.23 -23.44 -12.46
CA ASP B 142 23.20 -24.32 -12.99
C ASP B 142 21.81 -23.73 -12.80
N GLU B 143 21.59 -23.09 -11.66
CA GLU B 143 20.33 -22.41 -11.39
C GLU B 143 20.05 -21.32 -12.42
N LEU B 144 21.05 -20.47 -12.69
CA LEU B 144 20.88 -19.42 -13.70
C LEU B 144 20.71 -20.02 -15.10
N HIS B 145 21.44 -21.08 -15.41
CA HIS B 145 21.28 -21.68 -16.73
C HIS B 145 19.86 -22.17 -16.94
N GLU B 146 19.29 -22.84 -15.94
CA GLU B 146 17.92 -23.34 -16.07
C GLU B 146 16.93 -22.19 -16.16
N LEU B 147 17.17 -21.10 -15.42
CA LEU B 147 16.28 -19.94 -15.50
C LEU B 147 16.22 -19.41 -16.92
N PHE B 148 17.37 -19.26 -17.57
CA PHE B 148 17.37 -18.71 -18.91
C PHE B 148 16.86 -19.73 -19.93
N GLU B 149 17.07 -21.03 -19.67
CA GLU B 149 16.42 -22.04 -20.51
C GLU B 149 14.90 -21.93 -20.43
N ALA B 150 14.37 -21.70 -19.22
CA ALA B 150 12.93 -21.52 -19.06
C ALA B 150 12.46 -20.24 -19.75
N MET B 151 13.23 -19.16 -19.63
CA MET B 151 12.90 -17.92 -20.33
C MET B 151 12.78 -18.14 -21.84
N LYS B 152 13.74 -18.86 -22.42
CA LYS B 152 13.72 -19.11 -23.85
C LYS B 152 12.60 -20.07 -24.23
N GLU B 153 12.31 -21.04 -23.37
CA GLU B 153 11.37 -22.10 -23.71
C GLU B 153 9.93 -21.57 -23.81
N ASN B 154 9.52 -20.74 -22.86
CA ASN B 154 8.14 -20.26 -22.83
C ASN B 154 8.16 -18.96 -22.02
N TYR B 155 8.36 -17.83 -22.71
CA TYR B 155 8.51 -16.56 -22.01
C TYR B 155 7.25 -16.21 -21.22
N LYS B 156 6.07 -16.42 -21.81
CA LYS B 156 4.83 -16.12 -21.11
C LYS B 156 4.73 -16.90 -19.80
N ALA B 157 4.94 -18.22 -19.87
CA ALA B 157 4.88 -19.03 -18.67
C ALA B 157 5.96 -18.63 -17.67
N TRP B 158 7.14 -18.25 -18.18
CA TRP B 158 8.21 -17.81 -17.27
C TRP B 158 7.80 -16.55 -16.52
N CYS B 159 7.24 -15.57 -17.24
CA CYS B 159 6.81 -14.33 -16.59
C CYS B 159 5.78 -14.60 -15.51
N SER B 160 4.79 -15.46 -15.81
CA SER B 160 3.71 -15.69 -14.87
C SER B 160 4.19 -16.37 -13.60
N GLY B 161 5.23 -17.21 -13.69
CA GLY B 161 5.78 -17.82 -12.48
C GLY B 161 6.79 -16.96 -11.78
N PHE B 162 7.52 -16.13 -12.52
CA PHE B 162 8.58 -15.30 -11.94
C PHE B 162 8.01 -14.17 -11.09
N ALA B 163 6.92 -13.56 -11.55
CA ALA B 163 6.40 -12.37 -10.89
C ALA B 163 6.02 -12.60 -9.43
N PRO B 164 5.24 -13.63 -9.07
CA PRO B 164 4.93 -13.80 -7.64
C PRO B 164 6.13 -14.16 -6.81
N LEU B 165 7.09 -14.92 -7.37
CA LEU B 165 8.31 -15.23 -6.65
C LEU B 165 9.12 -13.97 -6.39
N CYS B 166 9.22 -13.09 -7.39
CA CYS B 166 9.99 -11.86 -7.24
C CYS B 166 9.33 -10.92 -6.24
N VAL B 167 8.03 -10.66 -6.41
CA VAL B 167 7.33 -9.74 -5.53
C VAL B 167 7.21 -10.33 -4.13
N GLY B 168 7.16 -11.65 -4.02
CA GLY B 168 7.05 -12.29 -2.73
C GLY B 168 5.65 -12.27 -2.15
N ALA B 169 4.64 -12.44 -2.99
CA ALA B 169 3.24 -12.42 -2.57
C ALA B 169 2.46 -13.40 -3.44
N ASP B 170 1.16 -13.46 -3.20
CA ASP B 170 0.30 -14.38 -3.94
C ASP B 170 -0.03 -13.82 -5.32
N MET B 171 -0.70 -14.66 -6.12
CA MET B 171 -0.98 -14.28 -7.51
C MET B 171 -1.89 -13.07 -7.60
N GLU B 172 -2.82 -12.89 -6.65
CA GLU B 172 -3.77 -11.79 -6.75
C GLU B 172 -3.26 -10.48 -6.18
N SER B 173 -2.09 -10.48 -5.54
CA SER B 173 -1.43 -9.23 -5.14
C SER B 173 -1.45 -8.23 -6.28
N LEU B 174 -1.81 -6.98 -5.96
CA LEU B 174 -1.83 -5.95 -6.99
C LEU B 174 -0.47 -5.80 -7.67
N ALA B 175 0.60 -5.82 -6.86
CA ALA B 175 1.94 -5.67 -7.42
C ALA B 175 2.32 -6.86 -8.27
N VAL B 176 1.93 -8.08 -7.86
CA VAL B 176 2.19 -9.26 -8.68
C VAL B 176 1.52 -9.12 -10.03
N GLN B 177 0.26 -8.67 -10.04
CA GLN B 177 -0.47 -8.52 -11.30
C GLN B 177 0.15 -7.44 -12.18
N GLU B 178 0.56 -6.31 -11.60
CA GLU B 178 1.23 -5.27 -12.38
C GLU B 178 2.54 -5.78 -12.95
N PHE B 179 3.34 -6.45 -12.11
CA PHE B 179 4.67 -6.90 -12.51
C PHE B 179 4.60 -8.03 -13.53
N SER B 180 3.61 -8.91 -13.38
CA SER B 180 3.37 -9.91 -14.42
C SER B 180 3.16 -9.28 -15.78
N ARG B 181 2.39 -8.19 -15.83
CA ARG B 181 2.10 -7.53 -17.10
C ARG B 181 3.33 -6.81 -17.65
N THR B 182 4.02 -6.03 -16.81
CA THR B 182 5.18 -5.33 -17.34
C THR B 182 6.30 -6.29 -17.75
N LEU B 183 6.44 -7.42 -17.05
CA LEU B 183 7.42 -8.43 -17.48
C LEU B 183 7.10 -8.94 -18.89
N PHE B 184 5.83 -9.26 -19.13
CA PHE B 184 5.45 -9.85 -20.41
C PHE B 184 5.34 -8.81 -21.52
N ASN B 185 5.37 -7.52 -21.21
CA ASN B 185 5.39 -6.48 -22.23
C ASN B 185 6.77 -6.21 -22.79
N MET B 186 7.82 -6.79 -22.21
CA MET B 186 9.13 -6.71 -22.81
C MET B 186 9.22 -7.65 -24.01
N ARG B 187 9.98 -7.24 -25.01
CA ARG B 187 10.26 -8.16 -26.10
C ARG B 187 11.11 -9.30 -25.55
N PRO B 188 10.79 -10.56 -25.85
CA PRO B 188 11.49 -11.67 -25.18
C PRO B 188 13.00 -11.63 -25.36
N ASP B 189 13.49 -11.29 -26.56
CA ASP B 189 14.95 -11.28 -26.76
C ASP B 189 15.60 -10.14 -26.00
N ILE B 190 14.89 -9.02 -25.84
CA ILE B 190 15.42 -7.91 -25.05
C ILE B 190 15.46 -8.28 -23.57
N ALA B 191 14.38 -8.87 -23.07
CA ALA B 191 14.35 -9.29 -21.67
C ALA B 191 15.45 -10.28 -21.36
N LEU B 192 15.66 -11.28 -22.23
CA LEU B 192 16.73 -12.24 -22.04
C LEU B 192 18.09 -11.55 -21.96
N SER B 193 18.35 -10.61 -22.88
CA SER B 193 19.66 -9.94 -22.92
C SER B 193 19.91 -9.14 -21.66
N ILE B 194 18.89 -8.41 -21.18
CA ILE B 194 19.07 -7.55 -20.02
C ILE B 194 19.29 -8.40 -18.77
N LEU B 195 18.46 -9.43 -18.57
CA LEU B 195 18.59 -10.23 -17.36
C LEU B 195 19.91 -11.00 -17.33
N GLN B 196 20.43 -11.40 -18.49
CA GLN B 196 21.77 -12.00 -18.53
C GLN B 196 22.83 -10.98 -18.12
N THR B 197 22.75 -9.76 -18.64
CA THR B 197 23.70 -8.72 -18.23
C THR B 197 23.66 -8.51 -16.72
N ILE B 198 22.46 -8.55 -16.13
CA ILE B 198 22.32 -8.32 -14.69
C ILE B 198 22.83 -9.51 -13.90
N PHE B 199 22.36 -10.71 -14.22
CA PHE B 199 22.66 -11.88 -13.39
C PHE B 199 24.13 -12.27 -13.42
N TYR B 200 24.84 -11.98 -14.50
CA TYR B 200 26.26 -12.31 -14.60
C TYR B 200 27.16 -11.11 -14.35
N SER B 201 26.61 -10.00 -13.87
CA SER B 201 27.42 -8.82 -13.63
C SER B 201 28.33 -9.03 -12.41
N ASP B 202 29.33 -8.15 -12.28
CA ASP B 202 30.21 -8.15 -11.12
C ASP B 202 30.66 -6.72 -10.88
N VAL B 203 29.97 -6.02 -9.99
CA VAL B 203 30.29 -4.64 -9.65
C VAL B 203 31.15 -4.55 -8.39
N ARG B 204 31.53 -5.68 -7.81
CA ARG B 204 32.34 -5.67 -6.60
C ARG B 204 33.63 -4.86 -6.72
N PRO B 205 34.40 -4.94 -7.82
CA PRO B 205 35.65 -4.16 -7.88
C PRO B 205 35.45 -2.65 -7.86
N LEU B 206 34.25 -2.16 -8.19
CA LEU B 206 34.04 -0.72 -8.22
C LEU B 206 33.64 -0.13 -6.88
N LEU B 207 33.18 -0.95 -5.95
CA LEU B 207 32.67 -0.43 -4.68
C LEU B 207 33.70 0.37 -3.88
N PRO B 208 34.98 -0.02 -3.77
CA PRO B 208 35.92 0.79 -2.98
C PRO B 208 36.20 2.16 -3.57
N HIS B 209 35.78 2.41 -4.81
CA HIS B 209 36.03 3.69 -5.47
C HIS B 209 34.80 4.59 -5.50
N VAL B 210 33.71 4.16 -4.86
CA VAL B 210 32.56 5.02 -4.65
C VAL B 210 32.84 5.92 -3.45
N THR B 211 32.62 7.22 -3.61
CA THR B 211 32.75 8.14 -2.49
C THR B 211 31.46 8.87 -2.15
N VAL B 212 30.46 8.82 -3.03
CA VAL B 212 29.14 9.37 -2.72
C VAL B 212 28.50 8.54 -1.60
N PRO B 213 27.91 9.16 -0.58
CA PRO B 213 27.31 8.36 0.50
C PRO B 213 26.14 7.53 0.00
N CYS B 214 26.02 6.31 0.53
CA CYS B 214 25.03 5.35 0.09
C CYS B 214 24.14 4.91 1.23
N HIS B 215 22.84 4.92 0.99
CA HIS B 215 21.84 4.42 1.91
C HIS B 215 21.30 3.11 1.34
N ILE B 216 21.61 1.99 1.99
CA ILE B 216 21.39 0.65 1.46
C ILE B 216 20.16 0.06 2.13
N ILE B 217 19.12 -0.24 1.34
CA ILE B 217 17.83 -0.67 1.86
C ILE B 217 17.43 -1.99 1.18
N GLN B 218 16.85 -2.91 1.96
CA GLN B 218 16.28 -4.10 1.36
C GLN B 218 15.27 -4.72 2.32
N SER B 219 14.40 -5.56 1.75
CA SER B 219 13.57 -6.45 2.56
C SER B 219 14.43 -7.51 3.23
N VAL B 220 14.11 -7.84 4.47
CA VAL B 220 14.84 -8.92 5.15
C VAL B 220 14.70 -10.23 4.38
N LYS B 221 13.57 -10.42 3.70
CA LYS B 221 13.35 -11.61 2.87
C LYS B 221 13.21 -11.15 1.43
N ASP B 222 14.27 -11.36 0.65
CA ASP B 222 14.32 -10.96 -0.76
C ASP B 222 14.99 -12.11 -1.51
N LEU B 223 14.26 -12.69 -2.47
CA LEU B 223 14.73 -13.88 -3.15
C LEU B 223 16.03 -13.65 -3.92
N ALA B 224 16.33 -12.40 -4.28
CA ALA B 224 17.50 -12.11 -5.08
C ALA B 224 18.64 -11.49 -4.29
N VAL B 225 18.41 -11.09 -3.03
CA VAL B 225 19.43 -10.38 -2.26
C VAL B 225 19.49 -10.94 -0.84
N PRO B 226 20.44 -11.81 -0.54
CA PRO B 226 20.69 -12.16 0.86
C PRO B 226 21.12 -10.93 1.64
N VAL B 227 20.72 -10.87 2.91
CA VAL B 227 21.07 -9.73 3.75
C VAL B 227 22.59 -9.58 3.84
N ALA B 228 23.33 -10.68 3.81
CA ALA B 228 24.79 -10.61 3.83
C ALA B 228 25.35 -9.84 2.66
N VAL B 229 24.63 -9.76 1.53
CA VAL B 229 25.10 -8.98 0.40
C VAL B 229 25.03 -7.48 0.70
N SER B 230 23.93 -7.04 1.30
CA SER B 230 23.84 -5.63 1.69
C SER B 230 24.92 -5.28 2.71
N GLU B 231 25.23 -6.21 3.62
CA GLU B 231 26.31 -5.95 4.57
C GLU B 231 27.65 -5.91 3.86
N TYR B 232 27.84 -6.76 2.84
CA TYR B 232 29.06 -6.69 2.03
C TYR B 232 29.19 -5.32 1.38
N ILE B 233 28.10 -4.80 0.80
CA ILE B 233 28.15 -3.48 0.17
C ILE B 233 28.57 -2.43 1.19
N HIS B 234 27.91 -2.42 2.34
CA HIS B 234 28.22 -1.47 3.42
C HIS B 234 29.69 -1.53 3.81
N GLN B 235 30.27 -2.73 3.82
CA GLN B 235 31.68 -2.87 4.20
C GLN B 235 32.65 -2.53 3.08
N SER B 236 32.21 -2.57 1.82
CA SER B 236 33.12 -2.44 0.69
C SER B 236 33.16 -1.03 0.10
N LEU B 237 32.13 -0.22 0.31
CA LEU B 237 32.10 1.12 -0.26
C LEU B 237 33.23 1.99 0.29
N GLY B 238 33.71 2.91 -0.55
CA GLY B 238 34.81 3.78 -0.15
C GLY B 238 34.38 5.01 0.63
N GLY B 239 33.12 5.39 0.54
CA GLY B 239 32.60 6.52 1.28
C GLY B 239 31.72 6.10 2.44
N GLU B 240 30.93 7.05 2.93
CA GLU B 240 30.01 6.78 4.02
C GLU B 240 28.85 5.92 3.52
N SER B 241 28.35 5.05 4.40
CA SER B 241 27.18 4.26 4.04
C SER B 241 26.43 3.86 5.30
N ILE B 242 25.15 3.55 5.12
CA ILE B 242 24.29 3.05 6.18
C ILE B 242 23.38 1.98 5.59
N LEU B 243 23.12 0.94 6.36
CA LEU B 243 22.31 -0.20 5.95
C LEU B 243 21.07 -0.24 6.83
N GLU B 244 19.89 -0.34 6.19
CA GLU B 244 18.64 -0.56 6.91
C GLU B 244 17.91 -1.73 6.25
N VAL B 245 17.74 -2.81 7.00
CA VAL B 245 17.03 -3.99 6.53
C VAL B 245 15.60 -3.92 7.07
N MET B 246 14.63 -3.94 6.16
CA MET B 246 13.24 -3.69 6.52
C MET B 246 12.51 -4.98 6.88
N ALA B 247 11.51 -4.84 7.76
CA ALA B 247 10.70 -5.97 8.19
C ALA B 247 9.61 -6.27 7.14
N THR B 248 10.06 -6.54 5.93
CA THR B 248 9.20 -6.75 4.79
C THR B 248 9.72 -7.92 3.99
N GLU B 249 8.88 -8.45 3.09
CA GLU B 249 9.28 -9.46 2.14
C GLU B 249 9.08 -8.93 0.73
N GLY B 250 10.01 -9.22 -0.16
CA GLY B 250 9.79 -8.89 -1.55
C GLY B 250 10.87 -8.03 -2.18
N HIS B 251 11.06 -8.24 -3.48
CA HIS B 251 12.07 -7.54 -4.26
C HIS B 251 11.59 -6.20 -4.83
N LEU B 252 10.28 -5.94 -4.79
CA LEU B 252 9.72 -4.65 -5.18
C LEU B 252 8.97 -4.07 -3.98
N PRO B 253 9.62 -3.92 -2.83
CA PRO B 253 8.87 -3.60 -1.61
C PRO B 253 8.25 -2.21 -1.63
N GLN B 254 8.77 -1.26 -2.43
CA GLN B 254 8.14 0.04 -2.51
C GLN B 254 6.78 -0.03 -3.19
N LEU B 255 6.52 -1.09 -3.95
CA LEU B 255 5.23 -1.26 -4.62
C LEU B 255 4.27 -2.16 -3.87
N SER B 256 4.76 -3.19 -3.18
CA SER B 256 3.91 -4.15 -2.50
C SER B 256 3.69 -3.86 -1.02
N SER B 257 4.59 -3.11 -0.38
CA SER B 257 4.42 -2.74 1.02
C SER B 257 4.68 -1.26 1.23
N PRO B 258 4.01 -0.36 0.51
CA PRO B 258 4.35 1.06 0.61
C PRO B 258 4.11 1.64 1.99
N ASP B 259 3.20 1.05 2.79
CA ASP B 259 2.86 1.65 4.07
C ASP B 259 4.08 1.75 4.98
N VAL B 260 4.98 0.77 4.92
CA VAL B 260 6.16 0.80 5.77
C VAL B 260 7.39 1.18 4.97
N VAL B 261 7.42 0.86 3.67
CA VAL B 261 8.63 1.10 2.89
C VAL B 261 8.77 2.56 2.49
N VAL B 262 7.68 3.22 2.12
CA VAL B 262 7.77 4.65 1.76
C VAL B 262 8.35 5.49 2.89
N PRO B 263 7.92 5.34 4.14
CA PRO B 263 8.58 6.11 5.21
C PRO B 263 10.07 5.83 5.35
N VAL B 264 10.49 4.58 5.17
CA VAL B 264 11.92 4.26 5.18
C VAL B 264 12.64 5.04 4.10
N LEU B 265 12.12 5.00 2.86
CA LEU B 265 12.76 5.72 1.76
C LEU B 265 12.81 7.21 2.02
N LEU B 266 11.73 7.78 2.59
CA LEU B 266 11.71 9.21 2.85
C LEU B 266 12.79 9.61 3.84
N ARG B 267 13.02 8.80 4.87
CA ARG B 267 14.05 9.13 5.87
C ARG B 267 15.43 9.19 5.23
N HIS B 268 15.74 8.25 4.34
CA HIS B 268 17.07 8.22 3.74
C HIS B 268 17.21 9.24 2.62
N ILE B 269 16.12 9.57 1.94
CA ILE B 269 16.17 10.64 0.95
C ILE B 269 16.39 11.99 1.63
N ARG B 270 15.68 12.23 2.73
CA ARG B 270 15.66 13.57 3.32
C ARG B 270 16.88 13.86 4.18
N TYR B 271 17.41 12.88 4.89
CA TYR B 271 18.39 13.13 5.93
C TYR B 271 19.76 12.57 5.55
N ALA B 272 20.80 13.26 6.01
CA ALA B 272 22.17 12.81 5.81
C ALA B 272 22.51 11.72 6.81
N ILE B 273 23.63 11.04 6.53
CA ILE B 273 24.12 10.01 7.45
C ILE B 273 24.73 10.70 8.67
N ALA B 274 24.54 10.10 9.84
CA ALA B 274 25.18 10.47 11.12
C ALA B 274 24.43 11.56 11.88
#